data_6QTG
#
_entry.id   6QTG
#
_cell.length_a   69.539
_cell.length_b   73.922
_cell.length_c   168.310
_cell.angle_alpha   90.00
_cell.angle_beta   90.00
_cell.angle_gamma   90.00
#
_symmetry.space_group_name_H-M   'P 21 21 21'
#
loop_
_entity.id
_entity.type
_entity.pdbx_description
1 polymer 'Cyclin-dependent kinase 8'
2 polymer Cyclin-C
3 non-polymer 2-[4-(4-isoquinolin-4-ylphenyl)pyrazol-1-yl]-~{N},~{N}-dimethyl-ethanamide
4 water water
#
loop_
_entity_poly.entity_id
_entity_poly.type
_entity_poly.pdbx_seq_one_letter_code
_entity_poly.pdbx_strand_id
1 'polypeptide(L)'
;GSMDYDFKVKLSSERERVEDLFEYEGCKVGRGTYGHVYKAKRKDGKDDKDYALKQIEGTGISMSACREIALLRELKHPNV
ISLQKVFLSHADRKVWLLFDYAEHDLWHIIKFHRASKANKKPVQLPRGMVKSLLYQILDGIHYLHANWVLHRDLKPANIL
VMGEGPERGRVKIADMGFARLFNSPLKPLADLDPVVVTFWYRAPELLLGARHYTKAIDIWAIGCIFAELLTSEPIFHCRQ
EDIKTSNPYHHDQLDRIFNVMGFPADKDWEDIKKMPEHSTLMKDFRRNTYTNCSLIKYMEKHKVKPDSKAFHLLQKLLTM
DPIKRITSEQAMQDPYFLEDPLPTSDVFAGCQIPYPKREFLTEEEPDDKGDKKNQQQQQGNNHTNGTGHPGNQDSSHTQG
PPLKK
;
A
2 'polypeptide(L)'
;GSMAGNFWQSSHYLQWILDKQDLLKERQKDLKFLSEEEYWKLQIFFTNVIQALGEHLKLRQQVIATATVYFKRFYARYSL
KSIDPVLMAPTCVFLASKVEEFGVVSNTRLIAAATSVLKTRFSYAFPKEFPYRMNHILECEFYLLELMDCCLIVYHPYRP
LLQYVQDMGQEDMLLPLAWRIVNDTYRTDLCLLYPPFMIALACLHVACVVQQKDARQWFAELSVDMEKILEIIRVILKLY
EQWKNFDERKEMATILSKMPKPKPPPNSEGEQGPNGSQNSSYSQS
;
B
#
loop_
_chem_comp.id
_chem_comp.type
_chem_comp.name
_chem_comp.formula
JH8 non-polymer 2-[4-(4-isoquinolin-4-ylphenyl)pyrazol-1-yl]-~{N},~{N}-dimethyl-ethanamide 'C22 H20 N4 O'
#
# COMPACT_ATOMS: atom_id res chain seq x y z
N SER A 2 30.08 -8.84 -3.55
CA SER A 2 28.71 -8.31 -3.65
C SER A 2 27.88 -8.62 -2.41
N MET A 3 27.88 -9.92 -1.98
CA MET A 3 27.17 -10.45 -0.82
C MET A 3 28.00 -11.52 -0.15
N ASP A 4 28.06 -11.49 1.18
CA ASP A 4 28.81 -12.42 2.02
C ASP A 4 28.28 -13.85 1.82
N TYR A 5 29.21 -14.81 1.62
CA TYR A 5 28.89 -16.23 1.40
C TYR A 5 28.15 -16.81 2.60
N ASP A 6 28.73 -16.67 3.81
CA ASP A 6 28.17 -17.15 5.07
C ASP A 6 26.81 -16.56 5.40
N PHE A 7 26.52 -15.33 4.93
CA PHE A 7 25.24 -14.65 5.09
C PHE A 7 24.21 -15.33 4.19
N LYS A 8 24.54 -15.50 2.90
CA LYS A 8 23.71 -16.14 1.88
C LYS A 8 23.40 -17.60 2.25
N VAL A 9 24.44 -18.35 2.67
CA VAL A 9 24.33 -19.76 3.05
C VAL A 9 23.38 -19.93 4.24
N LYS A 10 23.57 -19.15 5.32
CA LYS A 10 22.71 -19.17 6.51
C LYS A 10 21.25 -18.92 6.15
N LEU A 11 20.99 -17.89 5.32
CA LEU A 11 19.64 -17.50 4.89
C LEU A 11 18.97 -18.55 4.03
N SER A 12 19.73 -19.22 3.14
CA SER A 12 19.24 -20.28 2.26
C SER A 12 18.86 -21.52 3.08
N SER A 13 19.67 -21.86 4.10
CA SER A 13 19.41 -22.99 4.98
C SER A 13 18.16 -22.75 5.84
N GLU A 14 17.93 -21.48 6.25
CA GLU A 14 16.83 -21.08 7.12
C GLU A 14 15.57 -20.55 6.43
N ARG A 15 15.61 -20.33 5.10
CA ARG A 15 14.47 -19.82 4.35
C ARG A 15 13.41 -20.88 4.15
N GLU A 16 12.16 -20.54 4.51
CA GLU A 16 11.00 -21.40 4.34
C GLU A 16 10.54 -21.27 2.88
N ARG A 17 10.46 -22.40 2.18
CA ARG A 17 10.05 -22.49 0.78
C ARG A 17 8.61 -23.00 0.70
N VAL A 18 7.78 -22.32 -0.13
CA VAL A 18 6.35 -22.60 -0.34
C VAL A 18 6.10 -24.10 -0.67
N GLU A 19 6.92 -24.72 -1.56
CA GLU A 19 6.79 -26.11 -1.99
C GLU A 19 7.05 -27.14 -0.88
N ASP A 20 7.83 -26.75 0.15
CA ASP A 20 8.14 -27.63 1.29
C ASP A 20 7.04 -27.57 2.34
N LEU A 21 6.40 -26.40 2.49
CA LEU A 21 5.36 -26.18 3.49
C LEU A 21 3.94 -26.57 3.05
N PHE A 22 3.60 -26.37 1.76
CA PHE A 22 2.25 -26.66 1.25
C PHE A 22 2.17 -27.52 0.01
N GLU A 23 1.10 -28.32 -0.07
CA GLU A 23 0.76 -29.16 -1.21
C GLU A 23 -0.32 -28.41 -1.99
N TYR A 24 0.00 -28.01 -3.24
CA TYR A 24 -0.89 -27.22 -4.10
C TYR A 24 -0.82 -27.62 -5.58
N GLU A 25 -0.02 -28.65 -5.93
CA GLU A 25 0.14 -29.13 -7.31
C GLU A 25 -1.20 -29.61 -7.86
N GLY A 26 -1.68 -28.89 -8.88
CA GLY A 26 -2.95 -29.16 -9.52
C GLY A 26 -4.15 -28.70 -8.72
N CYS A 27 -3.93 -27.78 -7.75
CA CYS A 27 -4.96 -27.25 -6.86
C CYS A 27 -5.38 -25.82 -7.21
N LYS A 28 -5.11 -25.34 -8.43
CA LYS A 28 -5.47 -23.98 -8.87
C LYS A 28 -6.98 -23.80 -8.85
N VAL A 29 -7.47 -22.77 -8.16
CA VAL A 29 -8.90 -22.49 -8.01
C VAL A 29 -9.29 -21.17 -8.68
N GLY A 30 -8.31 -20.28 -8.84
CA GLY A 30 -8.49 -18.97 -9.45
C GLY A 30 -7.37 -18.60 -10.39
N ARG A 31 -7.67 -17.70 -11.34
CA ARG A 31 -6.74 -17.20 -12.35
C ARG A 31 -7.15 -15.77 -12.72
N GLY A 32 -6.16 -14.94 -13.03
CA GLY A 32 -6.42 -13.55 -13.41
C GLY A 32 -5.19 -12.73 -13.71
N THR A 33 -5.40 -11.40 -13.72
CA THR A 33 -4.38 -10.38 -13.96
C THR A 33 -3.48 -10.27 -12.74
N TYR A 34 -4.09 -10.43 -11.54
CA TYR A 34 -3.45 -10.41 -10.22
C TYR A 34 -2.43 -11.55 -10.06
N GLY A 35 -2.76 -12.70 -10.63
CA GLY A 35 -1.98 -13.93 -10.60
C GLY A 35 -2.85 -15.17 -10.49
N HIS A 36 -2.34 -16.23 -9.86
CA HIS A 36 -3.05 -17.48 -9.68
C HIS A 36 -3.27 -17.78 -8.19
N VAL A 37 -4.40 -18.43 -7.85
CA VAL A 37 -4.74 -18.81 -6.47
C VAL A 37 -4.92 -20.34 -6.42
N TYR A 38 -4.36 -20.98 -5.37
CA TYR A 38 -4.41 -22.43 -5.14
C TYR A 38 -5.05 -22.76 -3.79
N LYS A 39 -5.81 -23.88 -3.72
CA LYS A 39 -6.43 -24.38 -2.48
C LYS A 39 -5.40 -25.37 -1.94
N ALA A 40 -4.57 -24.92 -1.00
CA ALA A 40 -3.48 -25.71 -0.45
C ALA A 40 -3.68 -26.22 0.97
N LYS A 41 -2.98 -27.30 1.31
CA LYS A 41 -2.97 -27.92 2.62
C LYS A 41 -1.52 -27.99 3.12
N ARG A 42 -1.31 -27.88 4.44
CA ARG A 42 0.02 -27.95 5.04
C ARG A 42 0.61 -29.35 4.89
N LYS A 43 1.87 -29.46 4.42
CA LYS A 43 2.56 -30.75 4.27
C LYS A 43 2.81 -31.39 5.65
N ASP A 44 3.18 -30.55 6.64
CA ASP A 44 3.31 -30.94 8.04
C ASP A 44 1.85 -30.92 8.58
N GLY A 45 1.36 -32.07 9.00
CA GLY A 45 -0.01 -32.27 9.45
C GLY A 45 -0.51 -31.49 10.66
N LYS A 46 0.24 -30.45 11.10
CA LYS A 46 -0.09 -29.58 12.25
C LYS A 46 -1.50 -28.97 12.18
N ASP A 47 -2.00 -28.75 10.96
CA ASP A 47 -3.33 -28.20 10.65
C ASP A 47 -3.93 -28.99 9.50
N ASP A 48 -5.26 -29.17 9.52
CA ASP A 48 -6.00 -29.80 8.44
C ASP A 48 -6.76 -28.71 7.66
N LYS A 49 -6.52 -27.43 8.07
CA LYS A 49 -7.12 -26.22 7.49
C LYS A 49 -6.77 -26.03 6.02
N ASP A 50 -7.69 -25.43 5.27
CA ASP A 50 -7.48 -25.07 3.87
C ASP A 50 -6.84 -23.67 3.83
N TYR A 51 -5.86 -23.49 2.96
CA TYR A 51 -5.15 -22.21 2.81
C TYR A 51 -5.14 -21.77 1.36
N ALA A 52 -5.12 -20.45 1.14
CA ALA A 52 -5.07 -19.90 -0.20
C ALA A 52 -3.67 -19.39 -0.48
N LEU A 53 -3.07 -19.89 -1.56
CA LEU A 53 -1.73 -19.49 -1.99
C LEU A 53 -1.80 -18.72 -3.30
N LYS A 54 -1.49 -17.43 -3.23
CA LYS A 54 -1.53 -16.54 -4.39
C LYS A 54 -0.13 -16.33 -4.99
N GLN A 55 0.10 -16.97 -6.15
CA GLN A 55 1.32 -16.83 -6.94
C GLN A 55 1.09 -15.61 -7.85
N ILE A 56 1.88 -14.56 -7.66
CA ILE A 56 1.76 -13.30 -8.40
C ILE A 56 2.25 -13.43 -9.84
N GLU A 57 1.62 -12.68 -10.77
CA GLU A 57 1.97 -12.62 -12.19
C GLU A 57 3.34 -11.98 -12.39
N GLY A 58 4.22 -12.69 -13.10
CA GLY A 58 5.55 -12.21 -13.46
C GLY A 58 6.68 -12.57 -12.52
N THR A 59 7.90 -12.15 -12.90
CA THR A 59 9.18 -12.34 -12.20
C THR A 59 9.45 -11.10 -11.31
N GLY A 60 10.11 -11.33 -10.18
CA GLY A 60 10.47 -10.30 -9.21
C GLY A 60 9.30 -9.72 -8.48
N ILE A 61 9.42 -8.47 -8.03
CA ILE A 61 8.31 -7.84 -7.31
C ILE A 61 7.73 -6.69 -8.17
N SER A 62 6.57 -6.96 -8.78
CA SER A 62 5.86 -6.02 -9.63
C SER A 62 5.22 -4.92 -8.79
N MET A 63 4.62 -3.90 -9.44
CA MET A 63 3.92 -2.80 -8.77
C MET A 63 2.72 -3.30 -7.98
N SER A 64 1.96 -4.27 -8.56
CA SER A 64 0.80 -4.89 -7.94
C SER A 64 1.19 -5.73 -6.71
N ALA A 65 2.33 -6.46 -6.81
CA ALA A 65 2.88 -7.31 -5.75
C ALA A 65 3.36 -6.43 -4.60
N CYS A 66 4.03 -5.33 -4.95
CA CYS A 66 4.57 -4.32 -4.04
C CYS A 66 3.45 -3.66 -3.22
N ARG A 67 2.41 -3.16 -3.92
CA ARG A 67 1.22 -2.50 -3.37
C ARG A 67 0.42 -3.47 -2.46
N GLU A 68 0.29 -4.74 -2.87
CA GLU A 68 -0.44 -5.73 -2.08
C GLU A 68 0.30 -6.08 -0.80
N ILE A 69 1.63 -6.34 -0.89
CA ILE A 69 2.47 -6.67 0.27
C ILE A 69 2.47 -5.48 1.24
N ALA A 70 2.80 -4.27 0.74
CA ALA A 70 2.86 -3.04 1.53
C ALA A 70 1.62 -2.77 2.37
N LEU A 71 0.43 -2.81 1.74
CA LEU A 71 -0.85 -2.53 2.40
C LEU A 71 -1.33 -3.64 3.32
N LEU A 72 -1.40 -4.89 2.81
CA LEU A 72 -1.86 -6.05 3.59
C LEU A 72 -1.08 -6.32 4.88
N ARG A 73 0.16 -5.82 4.93
CA ARG A 73 1.08 -5.92 6.07
C ARG A 73 0.67 -4.94 7.19
N GLU A 74 -0.08 -3.88 6.84
CA GLU A 74 -0.53 -2.84 7.75
C GLU A 74 -2.02 -2.96 8.11
N LEU A 75 -2.86 -3.43 7.15
CA LEU A 75 -4.31 -3.50 7.31
C LEU A 75 -4.79 -4.69 8.14
N LYS A 76 -5.48 -4.38 9.24
CA LYS A 76 -6.06 -5.36 10.16
C LYS A 76 -7.54 -5.04 10.37
N HIS A 77 -8.41 -5.78 9.66
CA HIS A 77 -9.85 -5.61 9.75
C HIS A 77 -10.59 -6.94 9.53
N PRO A 78 -11.67 -7.26 10.29
CA PRO A 78 -12.42 -8.50 10.04
C PRO A 78 -12.95 -8.66 8.61
N ASN A 79 -13.10 -7.54 7.84
CA ASN A 79 -13.65 -7.59 6.48
C ASN A 79 -12.63 -7.30 5.35
N VAL A 80 -11.33 -7.34 5.68
CA VAL A 80 -10.23 -7.18 4.71
C VAL A 80 -9.42 -8.48 4.84
N ILE A 81 -9.07 -9.12 3.70
CA ILE A 81 -8.29 -10.37 3.69
C ILE A 81 -6.97 -10.20 4.48
N SER A 82 -6.64 -11.20 5.31
CA SER A 82 -5.46 -11.17 6.17
C SER A 82 -4.27 -11.92 5.60
N LEU A 83 -3.16 -11.21 5.35
CA LEU A 83 -1.90 -11.79 4.87
C LEU A 83 -1.24 -12.51 6.05
N GLN A 84 -1.07 -13.84 5.91
CA GLN A 84 -0.46 -14.67 6.94
C GLN A 84 1.05 -14.79 6.78
N LYS A 85 1.56 -14.83 5.53
CA LYS A 85 2.98 -15.02 5.22
C LYS A 85 3.31 -14.60 3.79
N VAL A 86 4.60 -14.28 3.52
CA VAL A 86 5.14 -13.95 2.19
C VAL A 86 6.28 -14.90 1.92
N PHE A 87 6.26 -15.58 0.77
CA PHE A 87 7.33 -16.48 0.35
C PHE A 87 8.02 -15.86 -0.86
N LEU A 88 9.33 -15.67 -0.75
CA LEU A 88 10.14 -15.13 -1.84
C LEU A 88 10.94 -16.31 -2.38
N SER A 89 10.45 -16.90 -3.49
CA SER A 89 11.07 -18.07 -4.11
C SER A 89 12.29 -17.62 -4.93
N HIS A 90 13.48 -17.68 -4.31
CA HIS A 90 14.76 -17.25 -4.87
C HIS A 90 15.14 -17.97 -6.17
N ALA A 91 14.80 -19.27 -6.28
CA ALA A 91 15.07 -20.13 -7.43
C ALA A 91 14.47 -19.61 -8.75
N ASP A 92 13.17 -19.25 -8.75
CA ASP A 92 12.46 -18.76 -9.94
C ASP A 92 12.01 -17.28 -9.86
N ARG A 93 12.37 -16.58 -8.76
CA ARG A 93 12.04 -15.18 -8.44
C ARG A 93 10.51 -14.91 -8.50
N LYS A 94 9.72 -15.85 -7.94
CA LYS A 94 8.25 -15.76 -7.86
C LYS A 94 7.81 -15.40 -6.43
N VAL A 95 6.76 -14.56 -6.30
CA VAL A 95 6.24 -14.12 -5.00
C VAL A 95 4.92 -14.80 -4.66
N TRP A 96 4.90 -15.48 -3.50
CA TRP A 96 3.73 -16.19 -2.99
C TRP A 96 3.19 -15.50 -1.75
N LEU A 97 1.87 -15.37 -1.69
CA LEU A 97 1.14 -14.76 -0.58
C LEU A 97 0.20 -15.81 0.00
N LEU A 98 0.24 -15.97 1.34
CA LEU A 98 -0.56 -16.94 2.07
C LEU A 98 -1.65 -16.24 2.88
N PHE A 99 -2.88 -16.78 2.79
CA PHE A 99 -4.08 -16.30 3.48
C PHE A 99 -4.89 -17.53 3.90
N ASP A 100 -5.91 -17.32 4.75
CA ASP A 100 -6.85 -18.38 5.12
C ASP A 100 -7.79 -18.54 3.90
N TYR A 101 -8.22 -19.76 3.62
CA TYR A 101 -9.06 -20.02 2.46
C TYR A 101 -10.52 -19.65 2.67
N ALA A 102 -11.04 -18.81 1.75
CA ALA A 102 -12.43 -18.39 1.68
C ALA A 102 -13.05 -19.31 0.63
N GLU A 103 -14.04 -20.12 1.04
CA GLU A 103 -14.67 -21.11 0.16
C GLU A 103 -15.53 -20.46 -0.94
N HIS A 104 -16.13 -19.29 -0.63
CA HIS A 104 -17.00 -18.60 -1.57
C HIS A 104 -16.54 -17.18 -1.90
N ASP A 105 -17.18 -16.58 -2.92
CA ASP A 105 -17.02 -15.21 -3.39
C ASP A 105 -18.37 -14.78 -3.97
N LEU A 106 -18.56 -13.48 -4.25
CA LEU A 106 -19.85 -13.04 -4.80
C LEU A 106 -20.05 -13.45 -6.26
N TRP A 107 -18.95 -13.63 -7.02
CA TRP A 107 -19.00 -14.07 -8.41
C TRP A 107 -19.69 -15.43 -8.54
N HIS A 108 -19.31 -16.39 -7.68
CA HIS A 108 -19.85 -17.73 -7.64
C HIS A 108 -21.23 -17.79 -7.02
N ILE A 109 -21.47 -17.02 -5.94
CA ILE A 109 -22.77 -16.95 -5.26
C ILE A 109 -23.84 -16.40 -6.23
N ILE A 110 -23.56 -15.26 -6.91
CA ILE A 110 -24.45 -14.65 -7.91
C ILE A 110 -24.67 -15.62 -9.07
N LYS A 111 -23.56 -16.23 -9.60
CA LYS A 111 -23.57 -17.23 -10.70
C LYS A 111 -24.55 -18.37 -10.41
N PHE A 112 -24.50 -18.93 -9.18
CA PHE A 112 -25.38 -20.02 -8.73
C PHE A 112 -26.85 -19.60 -8.78
N HIS A 113 -27.15 -18.37 -8.31
CA HIS A 113 -28.50 -17.83 -8.27
C HIS A 113 -29.08 -17.52 -9.65
N ARG A 114 -28.31 -16.86 -10.52
CA ARG A 114 -28.80 -16.52 -11.86
C ARG A 114 -28.89 -17.78 -12.77
N ALA A 115 -28.13 -18.85 -12.46
CA ALA A 115 -28.16 -20.12 -13.20
C ALA A 115 -29.51 -20.81 -12.95
N SER A 116 -30.04 -20.71 -11.71
CA SER A 116 -31.32 -21.27 -11.29
C SER A 116 -32.47 -20.78 -12.20
N LYS A 117 -32.44 -19.47 -12.56
CA LYS A 117 -33.41 -18.81 -13.45
C LYS A 117 -33.22 -19.26 -14.90
N LEU A 125 -31.55 -14.81 -4.24
CA LEU A 125 -30.67 -14.41 -3.14
C LEU A 125 -31.48 -14.00 -1.90
N PRO A 126 -31.35 -14.69 -0.72
CA PRO A 126 -32.09 -14.25 0.49
C PRO A 126 -31.74 -12.80 0.87
N ARG A 127 -32.77 -11.98 1.12
CA ARG A 127 -32.66 -10.55 1.43
C ARG A 127 -31.86 -10.22 2.71
N GLY A 128 -31.90 -11.11 3.69
CA GLY A 128 -31.13 -10.98 4.94
C GLY A 128 -29.65 -11.11 4.67
N MET A 129 -29.29 -12.03 3.75
CA MET A 129 -27.93 -12.28 3.30
C MET A 129 -27.41 -11.10 2.47
N VAL A 130 -28.25 -10.54 1.57
CA VAL A 130 -27.90 -9.38 0.73
C VAL A 130 -27.52 -8.18 1.62
N LYS A 131 -28.38 -7.86 2.62
CA LYS A 131 -28.16 -6.78 3.60
C LYS A 131 -26.88 -7.02 4.41
N SER A 132 -26.65 -8.27 4.87
CA SER A 132 -25.47 -8.65 5.65
C SER A 132 -24.19 -8.54 4.82
N LEU A 133 -24.25 -8.92 3.53
CA LEU A 133 -23.13 -8.87 2.60
C LEU A 133 -22.71 -7.42 2.40
N LEU A 134 -23.68 -6.55 2.08
CA LEU A 134 -23.49 -5.11 1.87
C LEU A 134 -22.95 -4.40 3.10
N TYR A 135 -23.46 -4.72 4.31
CA TYR A 135 -22.96 -4.06 5.54
C TYR A 135 -21.49 -4.41 5.80
N GLN A 136 -21.07 -5.63 5.43
CA GLN A 136 -19.69 -6.06 5.61
C GLN A 136 -18.77 -5.49 4.52
N ILE A 137 -19.32 -5.24 3.30
CA ILE A 137 -18.59 -4.61 2.20
C ILE A 137 -18.32 -3.14 2.60
N LEU A 138 -19.37 -2.44 3.05
CA LEU A 138 -19.27 -1.06 3.51
C LEU A 138 -18.36 -0.93 4.73
N ASP A 139 -18.41 -1.91 5.67
CA ASP A 139 -17.55 -1.92 6.86
C ASP A 139 -16.06 -2.02 6.49
N GLY A 140 -15.71 -2.98 5.62
CA GLY A 140 -14.36 -3.20 5.15
C GLY A 140 -13.80 -2.06 4.34
N ILE A 141 -14.63 -1.47 3.46
CA ILE A 141 -14.20 -0.35 2.61
C ILE A 141 -14.08 0.93 3.44
N HIS A 142 -14.92 1.10 4.49
CA HIS A 142 -14.85 2.25 5.39
C HIS A 142 -13.51 2.26 6.12
N TYR A 143 -13.04 1.09 6.57
CA TYR A 143 -11.73 0.95 7.22
C TYR A 143 -10.61 1.36 6.23
N LEU A 144 -10.64 0.80 5.00
CA LEU A 144 -9.66 1.11 3.95
C LEU A 144 -9.64 2.61 3.66
N HIS A 145 -10.83 3.22 3.49
CA HIS A 145 -11.00 4.65 3.24
C HIS A 145 -10.52 5.53 4.41
N ALA A 146 -10.65 5.04 5.66
CA ALA A 146 -10.18 5.74 6.87
C ALA A 146 -8.65 5.73 6.98
N ASN A 147 -7.97 4.78 6.30
CA ASN A 147 -6.52 4.63 6.24
C ASN A 147 -5.97 5.15 4.91
N TRP A 148 -6.83 5.88 4.15
CA TRP A 148 -6.58 6.52 2.86
C TRP A 148 -6.17 5.52 1.76
N VAL A 149 -6.71 4.28 1.86
CA VAL A 149 -6.49 3.18 0.93
C VAL A 149 -7.74 3.01 0.06
N LEU A 150 -7.57 3.01 -1.26
CA LEU A 150 -8.66 2.83 -2.21
C LEU A 150 -8.54 1.46 -2.84
N HIS A 151 -9.66 0.77 -3.07
CA HIS A 151 -9.60 -0.54 -3.71
C HIS A 151 -9.19 -0.41 -5.18
N ARG A 152 -9.84 0.52 -5.91
CA ARG A 152 -9.61 0.88 -7.33
C ARG A 152 -10.29 -0.07 -8.32
N ASP A 153 -10.64 -1.29 -7.89
CA ASP A 153 -11.29 -2.27 -8.75
C ASP A 153 -12.17 -3.25 -7.98
N LEU A 154 -13.25 -2.76 -7.36
CA LEU A 154 -14.17 -3.63 -6.63
C LEU A 154 -15.11 -4.30 -7.61
N LYS A 155 -15.26 -5.61 -7.48
CA LYS A 155 -16.14 -6.43 -8.30
C LYS A 155 -16.54 -7.66 -7.48
N PRO A 156 -17.61 -8.42 -7.84
CA PRO A 156 -18.00 -9.61 -7.03
C PRO A 156 -16.89 -10.62 -6.76
N ALA A 157 -16.02 -10.89 -7.75
CA ALA A 157 -14.89 -11.83 -7.64
C ALA A 157 -13.85 -11.49 -6.55
N ASN A 158 -13.89 -10.25 -5.99
CA ASN A 158 -13.01 -9.69 -4.95
C ASN A 158 -13.62 -9.73 -3.56
N ILE A 159 -14.94 -9.92 -3.50
CA ILE A 159 -15.69 -9.97 -2.26
C ILE A 159 -15.84 -11.43 -1.94
N LEU A 160 -14.88 -11.93 -1.19
CA LEU A 160 -14.79 -13.31 -0.73
C LEU A 160 -15.71 -13.49 0.47
N VAL A 161 -16.26 -14.69 0.64
CA VAL A 161 -17.13 -15.06 1.76
C VAL A 161 -16.59 -16.35 2.33
N MET A 162 -16.23 -16.35 3.62
CA MET A 162 -15.69 -17.52 4.31
C MET A 162 -16.73 -18.62 4.46
N GLY A 163 -16.29 -19.86 4.21
CA GLY A 163 -17.12 -21.05 4.34
C GLY A 163 -17.12 -21.60 5.76
N GLU A 164 -17.43 -22.91 5.92
CA GLU A 164 -17.48 -23.56 7.23
C GLU A 164 -16.16 -23.44 7.98
N GLY A 165 -16.26 -23.12 9.26
CA GLY A 165 -15.13 -22.93 10.16
C GLY A 165 -15.36 -21.84 11.20
N PRO A 166 -14.29 -21.37 11.89
CA PRO A 166 -14.47 -20.33 12.91
C PRO A 166 -14.90 -18.95 12.40
N GLU A 167 -14.89 -18.72 11.08
CA GLU A 167 -15.27 -17.42 10.51
C GLU A 167 -16.40 -17.53 9.48
N ARG A 168 -17.30 -18.51 9.64
CA ARG A 168 -18.44 -18.78 8.76
C ARG A 168 -19.28 -17.54 8.44
N GLY A 169 -19.44 -17.27 7.14
CA GLY A 169 -20.22 -16.15 6.63
C GLY A 169 -19.52 -14.80 6.60
N ARG A 170 -18.26 -14.73 7.04
CA ARG A 170 -17.52 -13.47 7.06
C ARG A 170 -17.06 -13.06 5.67
N VAL A 171 -17.35 -11.81 5.30
CA VAL A 171 -16.94 -11.19 4.06
C VAL A 171 -15.49 -10.72 4.19
N LYS A 172 -14.67 -11.01 3.18
CA LYS A 172 -13.26 -10.61 3.10
C LYS A 172 -13.03 -9.89 1.77
N ILE A 173 -12.64 -8.62 1.82
CA ILE A 173 -12.33 -7.83 0.63
C ILE A 173 -10.88 -8.18 0.25
N ALA A 174 -10.69 -8.72 -0.98
CA ALA A 174 -9.38 -9.15 -1.48
C ALA A 174 -8.89 -8.35 -2.68
N ASP A 175 -7.60 -8.56 -3.04
CA ASP A 175 -6.84 -7.95 -4.16
C ASP A 175 -6.59 -6.46 -4.01
N MET A 176 -5.29 -6.08 -3.98
CA MET A 176 -4.84 -4.68 -3.90
C MET A 176 -3.80 -4.43 -5.02
N GLY A 177 -4.10 -3.49 -5.91
CA GLY A 177 -3.25 -3.14 -7.07
C GLY A 177 -3.49 -1.75 -7.59
N VAL A 197 -10.88 -5.12 -18.82
CA VAL A 197 -11.60 -6.14 -19.61
C VAL A 197 -13.12 -5.94 -19.46
N THR A 198 -13.59 -5.77 -18.20
CA THR A 198 -14.98 -5.53 -17.84
C THR A 198 -15.07 -4.21 -17.06
N PHE A 199 -15.92 -3.28 -17.55
CA PHE A 199 -16.09 -1.96 -16.94
C PHE A 199 -17.49 -1.78 -16.34
N TRP A 200 -18.14 -2.90 -15.96
CA TRP A 200 -19.49 -2.92 -15.40
C TRP A 200 -19.57 -2.28 -14.01
N TYR A 201 -18.42 -2.16 -13.36
CA TYR A 201 -18.29 -1.65 -12.01
C TYR A 201 -17.48 -0.36 -11.98
N ARG A 202 -17.06 0.15 -13.16
CA ARG A 202 -16.31 1.41 -13.29
C ARG A 202 -17.25 2.61 -13.31
N ALA A 203 -17.01 3.58 -12.39
CA ALA A 203 -17.79 4.81 -12.24
C ALA A 203 -17.86 5.66 -13.54
N PRO A 204 -18.98 6.38 -13.84
CA PRO A 204 -19.07 7.14 -15.09
C PRO A 204 -17.98 8.21 -15.31
N GLU A 205 -17.41 8.78 -14.23
CA GLU A 205 -16.35 9.78 -14.34
C GLU A 205 -15.03 9.15 -14.85
N LEU A 206 -14.78 7.87 -14.53
CA LEU A 206 -13.61 7.14 -15.05
C LEU A 206 -13.77 6.99 -16.56
N LEU A 207 -14.97 6.55 -16.99
CA LEU A 207 -15.36 6.36 -18.39
C LEU A 207 -15.37 7.67 -19.20
N LEU A 208 -15.32 8.82 -18.51
CA LEU A 208 -15.29 10.15 -19.11
C LEU A 208 -13.92 10.84 -18.99
N GLY A 209 -12.92 10.08 -18.53
CA GLY A 209 -11.54 10.56 -18.44
C GLY A 209 -11.02 11.11 -17.14
N ALA A 210 -11.65 10.80 -15.99
CA ALA A 210 -11.12 11.27 -14.70
C ALA A 210 -9.81 10.51 -14.43
N ARG A 211 -8.71 11.26 -14.36
CA ARG A 211 -7.33 10.77 -14.21
C ARG A 211 -7.05 10.04 -12.89
N HIS A 212 -7.55 10.58 -11.78
CA HIS A 212 -7.33 10.05 -10.43
C HIS A 212 -8.39 9.09 -9.91
N TYR A 213 -7.99 8.20 -8.98
CA TYR A 213 -8.88 7.30 -8.27
C TYR A 213 -9.31 8.02 -7.00
N THR A 214 -10.60 7.90 -6.65
CA THR A 214 -11.23 8.55 -5.49
C THR A 214 -12.08 7.56 -4.70
N LYS A 215 -12.49 7.95 -3.48
CA LYS A 215 -13.34 7.17 -2.59
C LYS A 215 -14.69 6.86 -3.24
N ALA A 216 -15.28 7.85 -3.96
CA ALA A 216 -16.56 7.71 -4.66
C ALA A 216 -16.56 6.65 -5.77
N ILE A 217 -15.39 6.42 -6.41
CA ILE A 217 -15.20 5.41 -7.46
C ILE A 217 -15.42 4.01 -6.86
N ASP A 218 -14.96 3.81 -5.59
CA ASP A 218 -15.15 2.55 -4.85
C ASP A 218 -16.62 2.41 -4.47
N ILE A 219 -17.25 3.52 -4.06
CA ILE A 219 -18.66 3.58 -3.66
C ILE A 219 -19.57 3.22 -4.83
N TRP A 220 -19.32 3.78 -6.04
CA TRP A 220 -20.12 3.42 -7.23
C TRP A 220 -20.11 1.91 -7.44
N ALA A 221 -18.92 1.28 -7.34
CA ALA A 221 -18.71 -0.16 -7.50
C ALA A 221 -19.55 -0.98 -6.50
N ILE A 222 -19.63 -0.53 -5.24
CA ILE A 222 -20.43 -1.17 -4.17
C ILE A 222 -21.91 -1.10 -4.53
N GLY A 223 -22.31 0.03 -5.12
CA GLY A 223 -23.67 0.25 -5.59
C GLY A 223 -23.98 -0.72 -6.71
N CYS A 224 -22.98 -0.96 -7.59
CA CYS A 224 -23.08 -1.90 -8.73
C CYS A 224 -23.27 -3.32 -8.22
N ILE A 225 -22.51 -3.69 -7.16
CA ILE A 225 -22.54 -5.00 -6.52
C ILE A 225 -23.89 -5.21 -5.81
N PHE A 226 -24.35 -4.20 -5.05
CA PHE A 226 -25.62 -4.23 -4.32
C PHE A 226 -26.83 -4.47 -5.26
N ALA A 227 -26.85 -3.81 -6.44
CA ALA A 227 -27.89 -4.02 -7.46
C ALA A 227 -27.82 -5.44 -8.00
N GLU A 228 -26.60 -5.98 -8.17
CA GLU A 228 -26.39 -7.35 -8.68
C GLU A 228 -26.82 -8.38 -7.64
N LEU A 229 -26.62 -8.11 -6.34
CA LEU A 229 -27.03 -9.03 -5.27
C LEU A 229 -28.56 -9.05 -5.13
N LEU A 230 -29.21 -7.91 -5.43
CA LEU A 230 -30.66 -7.76 -5.34
C LEU A 230 -31.40 -8.33 -6.55
N THR A 231 -30.75 -8.40 -7.74
CA THR A 231 -31.40 -8.86 -8.98
C THR A 231 -30.81 -10.12 -9.63
N SER A 232 -29.54 -10.46 -9.30
CA SER A 232 -28.72 -11.57 -9.81
C SER A 232 -28.07 -11.24 -11.18
N GLU A 233 -28.32 -10.02 -11.70
CA GLU A 233 -27.82 -9.55 -12.99
C GLU A 233 -26.89 -8.33 -12.82
N PRO A 234 -25.78 -8.21 -13.60
CA PRO A 234 -24.96 -6.99 -13.47
C PRO A 234 -25.75 -5.84 -14.06
N ILE A 235 -26.06 -4.84 -13.21
CA ILE A 235 -26.85 -3.65 -13.54
C ILE A 235 -26.37 -3.00 -14.86
N PHE A 236 -25.04 -2.85 -15.03
CA PHE A 236 -24.46 -2.26 -16.24
C PHE A 236 -23.70 -3.30 -17.08
N HIS A 237 -24.34 -4.46 -17.35
CA HIS A 237 -23.76 -5.52 -18.17
C HIS A 237 -23.52 -4.98 -19.57
N CYS A 238 -22.33 -5.24 -20.10
CA CYS A 238 -21.92 -4.74 -21.41
C CYS A 238 -21.10 -5.77 -22.18
N ARG A 239 -21.34 -5.86 -23.50
CA ARG A 239 -20.61 -6.74 -24.40
C ARG A 239 -19.17 -6.24 -24.63
N GLN A 240 -18.19 -7.17 -24.59
CA GLN A 240 -16.75 -6.91 -24.77
C GLN A 240 -16.41 -6.37 -26.16
N SER A 246 -7.58 0.89 -25.43
CA SER A 246 -6.88 1.23 -24.19
C SER A 246 -7.21 2.66 -23.68
N ASN A 247 -8.09 3.37 -24.40
CA ASN A 247 -8.54 4.73 -24.08
C ASN A 247 -9.49 4.71 -22.84
N PRO A 248 -9.64 5.84 -22.07
CA PRO A 248 -10.59 5.81 -20.93
C PRO A 248 -12.06 5.84 -21.36
N TYR A 249 -12.34 6.32 -22.59
CA TYR A 249 -13.68 6.43 -23.17
C TYR A 249 -14.21 5.12 -23.75
N HIS A 250 -15.29 4.60 -23.14
CA HIS A 250 -15.96 3.37 -23.55
C HIS A 250 -17.42 3.70 -23.83
N HIS A 251 -17.75 3.96 -25.11
CA HIS A 251 -19.08 4.35 -25.60
C HIS A 251 -20.18 3.40 -25.16
N ASP A 252 -20.01 2.10 -25.46
CA ASP A 252 -20.97 1.03 -25.15
C ASP A 252 -21.29 0.93 -23.66
N GLN A 253 -20.27 1.08 -22.78
CA GLN A 253 -20.46 1.03 -21.33
C GLN A 253 -21.24 2.24 -20.80
N LEU A 254 -20.95 3.46 -21.32
CA LEU A 254 -21.66 4.70 -20.95
C LEU A 254 -23.12 4.63 -21.41
N ASP A 255 -23.36 4.05 -22.60
CA ASP A 255 -24.67 3.86 -23.21
C ASP A 255 -25.53 2.96 -22.31
N ARG A 256 -24.94 1.87 -21.75
CA ARG A 256 -25.63 0.97 -20.85
C ARG A 256 -25.96 1.65 -19.51
N ILE A 257 -25.05 2.51 -19.00
CA ILE A 257 -25.29 3.30 -17.79
C ILE A 257 -26.49 4.24 -18.03
N PHE A 258 -26.58 4.89 -19.21
CA PHE A 258 -27.69 5.79 -19.51
C PHE A 258 -29.01 5.06 -19.79
N ASN A 259 -28.95 3.78 -20.22
CA ASN A 259 -30.16 2.99 -20.48
C ASN A 259 -30.80 2.58 -19.14
N VAL A 260 -29.97 2.47 -18.10
CA VAL A 260 -30.42 2.12 -16.77
C VAL A 260 -30.75 3.41 -16.00
N MET A 261 -29.77 4.30 -15.85
CA MET A 261 -29.87 5.55 -15.09
C MET A 261 -30.61 6.69 -15.76
N GLY A 262 -30.45 6.81 -17.08
CA GLY A 262 -30.96 7.94 -17.86
C GLY A 262 -29.82 8.92 -18.07
N PHE A 263 -29.91 9.82 -19.06
CA PHE A 263 -28.85 10.80 -19.32
C PHE A 263 -28.82 11.86 -18.21
N PRO A 264 -27.64 12.14 -17.60
CA PRO A 264 -27.62 13.12 -16.50
C PRO A 264 -27.91 14.55 -16.95
N ALA A 265 -28.82 15.22 -16.23
CA ALA A 265 -29.20 16.61 -16.45
C ALA A 265 -28.06 17.48 -15.92
N ASP A 266 -27.96 18.73 -16.40
CA ASP A 266 -26.92 19.68 -15.97
C ASP A 266 -26.94 19.86 -14.45
N LYS A 267 -28.16 19.98 -13.86
CA LYS A 267 -28.41 20.14 -12.42
C LYS A 267 -27.92 18.96 -11.60
N ASP A 268 -27.96 17.74 -12.17
CA ASP A 268 -27.57 16.47 -11.53
C ASP A 268 -26.06 16.28 -11.43
N TRP A 269 -25.31 16.75 -12.43
CA TRP A 269 -23.86 16.62 -12.49
C TRP A 269 -23.30 17.83 -13.25
N GLU A 270 -23.13 18.96 -12.54
CA GLU A 270 -22.65 20.24 -13.08
C GLU A 270 -21.22 20.22 -13.62
N ASP A 271 -20.34 19.38 -13.06
CA ASP A 271 -18.95 19.32 -13.51
C ASP A 271 -18.71 18.30 -14.64
N ILE A 272 -19.79 17.83 -15.30
CA ILE A 272 -19.67 16.91 -16.44
C ILE A 272 -18.92 17.61 -17.60
N LYS A 273 -19.08 18.96 -17.68
CA LYS A 273 -18.41 19.84 -18.66
C LYS A 273 -16.88 19.83 -18.47
N LYS A 274 -16.42 19.63 -17.20
CA LYS A 274 -15.00 19.59 -16.83
C LYS A 274 -14.30 18.27 -17.17
N MET A 275 -15.08 17.23 -17.57
CA MET A 275 -14.55 15.92 -17.92
C MET A 275 -13.77 15.97 -19.22
N PRO A 276 -12.58 15.32 -19.32
CA PRO A 276 -11.81 15.34 -20.58
C PRO A 276 -12.58 14.82 -21.81
N GLU A 277 -13.48 13.83 -21.61
CA GLU A 277 -14.28 13.23 -22.69
C GLU A 277 -15.69 13.85 -22.86
N HIS A 278 -15.93 15.05 -22.29
CA HIS A 278 -17.24 15.72 -22.38
C HIS A 278 -17.64 16.08 -23.81
N SER A 279 -16.69 16.56 -24.61
CA SER A 279 -16.95 16.90 -26.01
C SER A 279 -17.31 15.64 -26.82
N THR A 280 -16.64 14.50 -26.52
CA THR A 280 -16.89 13.19 -27.13
C THR A 280 -18.31 12.70 -26.75
N LEU A 281 -18.69 12.84 -25.47
CA LEU A 281 -20.00 12.49 -24.92
C LEU A 281 -21.09 13.26 -25.67
N MET A 282 -20.87 14.57 -25.88
CA MET A 282 -21.79 15.46 -26.60
C MET A 282 -21.87 15.11 -28.10
N LYS A 283 -20.75 14.63 -28.67
CA LYS A 283 -20.65 14.25 -30.07
C LYS A 283 -21.34 12.92 -30.34
N ASP A 284 -21.17 11.93 -29.44
CA ASP A 284 -21.71 10.57 -29.59
C ASP A 284 -23.13 10.33 -29.05
N PHE A 285 -23.56 11.11 -28.05
CA PHE A 285 -24.85 10.90 -27.40
C PHE A 285 -25.85 12.05 -27.56
N ARG A 286 -27.13 11.76 -27.25
CA ARG A 286 -28.26 12.68 -27.25
C ARG A 286 -29.16 12.32 -26.07
N ARG A 287 -29.43 13.30 -25.19
CA ARG A 287 -30.27 13.19 -23.98
C ARG A 287 -31.61 12.49 -24.23
N ASN A 288 -32.20 12.72 -25.42
CA ASN A 288 -33.49 12.19 -25.89
C ASN A 288 -33.55 10.65 -25.93
N THR A 289 -32.44 9.99 -26.32
CA THR A 289 -32.33 8.52 -26.42
C THR A 289 -32.76 7.81 -25.11
N TYR A 290 -32.44 8.40 -23.95
CA TYR A 290 -32.69 7.86 -22.61
C TYR A 290 -33.76 8.64 -21.83
N THR A 291 -34.74 9.21 -22.54
CA THR A 291 -35.82 10.01 -21.96
C THR A 291 -36.71 9.17 -20.99
N ASN A 292 -37.05 7.92 -21.35
CA ASN A 292 -37.84 7.06 -20.48
C ASN A 292 -36.98 6.09 -19.64
N CYS A 293 -35.71 6.47 -19.40
CA CYS A 293 -34.77 5.66 -18.62
C CYS A 293 -34.52 6.27 -17.26
N SER A 294 -34.63 5.44 -16.21
CA SER A 294 -34.42 5.79 -14.80
C SER A 294 -34.12 4.51 -14.03
N LEU A 295 -33.48 4.65 -12.84
CA LEU A 295 -33.16 3.52 -11.97
C LEU A 295 -34.45 2.91 -11.40
N ILE A 296 -35.47 3.76 -11.13
CA ILE A 296 -36.80 3.35 -10.64
C ILE A 296 -37.38 2.30 -11.59
N LYS A 297 -37.48 2.64 -12.90
CA LYS A 297 -38.00 1.76 -13.95
C LYS A 297 -37.20 0.47 -14.10
N TYR A 298 -35.84 0.54 -14.04
CA TYR A 298 -34.98 -0.63 -14.14
C TYR A 298 -35.23 -1.60 -12.99
N MET A 299 -35.08 -1.11 -11.74
CA MET A 299 -35.25 -1.90 -10.51
C MET A 299 -36.67 -2.48 -10.37
N GLU A 300 -37.70 -1.75 -10.88
CA GLU A 300 -39.10 -2.21 -10.87
C GLU A 300 -39.27 -3.45 -11.71
N LYS A 301 -38.57 -3.54 -12.85
CA LYS A 301 -38.60 -4.70 -13.76
C LYS A 301 -37.99 -5.96 -13.11
N HIS A 302 -37.06 -5.78 -12.16
CA HIS A 302 -36.38 -6.88 -11.45
C HIS A 302 -36.97 -7.13 -10.05
N LYS A 303 -38.17 -6.57 -9.81
CA LYS A 303 -38.96 -6.69 -8.58
C LYS A 303 -38.18 -6.21 -7.33
N VAL A 304 -37.95 -4.89 -7.28
CA VAL A 304 -37.31 -4.14 -6.19
C VAL A 304 -38.12 -2.83 -6.12
N LYS A 305 -38.98 -2.71 -5.08
CA LYS A 305 -39.88 -1.59 -4.88
C LYS A 305 -39.16 -0.26 -4.72
N PRO A 306 -39.52 0.77 -5.53
CA PRO A 306 -38.84 2.08 -5.42
C PRO A 306 -39.03 2.81 -4.09
N ASP A 307 -40.02 2.39 -3.28
CA ASP A 307 -40.29 2.98 -1.97
C ASP A 307 -39.64 2.18 -0.83
N SER A 308 -38.89 1.10 -1.17
CA SER A 308 -38.20 0.29 -0.18
C SER A 308 -36.95 1.01 0.27
N LYS A 309 -36.46 0.68 1.47
CA LYS A 309 -35.25 1.29 2.02
C LYS A 309 -34.01 0.85 1.24
N ALA A 310 -34.06 -0.38 0.65
CA ALA A 310 -32.99 -0.95 -0.17
C ALA A 310 -32.79 -0.11 -1.44
N PHE A 311 -33.90 0.24 -2.14
CA PHE A 311 -33.84 1.07 -3.35
C PHE A 311 -33.22 2.45 -3.08
N HIS A 312 -33.68 3.15 -2.02
CA HIS A 312 -33.22 4.48 -1.63
C HIS A 312 -31.75 4.53 -1.27
N LEU A 313 -31.21 3.44 -0.68
CA LEU A 313 -29.79 3.36 -0.37
C LEU A 313 -29.03 3.15 -1.67
N LEU A 314 -29.51 2.22 -2.52
CA LEU A 314 -28.93 1.92 -3.83
C LEU A 314 -28.80 3.18 -4.71
N GLN A 315 -29.86 4.03 -4.74
CA GLN A 315 -29.87 5.27 -5.52
C GLN A 315 -28.86 6.30 -4.99
N LYS A 316 -28.52 6.25 -3.68
CA LYS A 316 -27.55 7.12 -3.05
C LYS A 316 -26.12 6.68 -3.40
N LEU A 317 -25.90 5.36 -3.54
CA LEU A 317 -24.63 4.77 -3.95
C LEU A 317 -24.45 4.98 -5.45
N LEU A 318 -25.50 4.71 -6.27
CA LEU A 318 -25.45 4.89 -7.73
C LEU A 318 -25.87 6.30 -8.16
N THR A 319 -25.04 7.29 -7.81
CA THR A 319 -25.25 8.69 -8.17
C THR A 319 -24.18 9.02 -9.20
N MET A 320 -24.60 9.58 -10.35
CA MET A 320 -23.71 9.96 -11.46
C MET A 320 -22.60 10.92 -11.01
N ASP A 321 -22.96 12.01 -10.31
CA ASP A 321 -22.01 12.99 -9.80
C ASP A 321 -21.27 12.42 -8.59
N PRO A 322 -19.92 12.26 -8.68
CA PRO A 322 -19.16 11.68 -7.55
C PRO A 322 -19.24 12.47 -6.24
N ILE A 323 -19.35 13.81 -6.32
CA ILE A 323 -19.45 14.69 -5.14
C ILE A 323 -20.83 14.58 -4.48
N LYS A 324 -21.82 14.05 -5.22
CA LYS A 324 -23.21 13.85 -4.78
C LYS A 324 -23.48 12.41 -4.36
N ARG A 325 -22.45 11.55 -4.44
CA ARG A 325 -22.48 10.13 -4.07
C ARG A 325 -22.25 10.04 -2.56
N ILE A 326 -23.00 9.17 -1.87
CA ILE A 326 -22.87 8.96 -0.43
C ILE A 326 -21.52 8.32 -0.05
N THR A 327 -21.08 8.52 1.21
CA THR A 327 -19.84 7.91 1.68
C THR A 327 -20.13 6.54 2.33
N SER A 328 -19.08 5.73 2.60
CA SER A 328 -19.21 4.41 3.24
C SER A 328 -19.77 4.52 4.66
N GLU A 329 -19.30 5.53 5.43
CA GLU A 329 -19.76 5.80 6.79
C GLU A 329 -21.24 6.22 6.82
N GLN A 330 -21.66 7.10 5.89
CA GLN A 330 -23.06 7.55 5.75
C GLN A 330 -23.99 6.41 5.28
N ALA A 331 -23.48 5.52 4.42
CA ALA A 331 -24.23 4.35 3.93
C ALA A 331 -24.48 3.36 5.07
N MET A 332 -23.47 3.09 5.93
CA MET A 332 -23.57 2.21 7.10
C MET A 332 -24.59 2.71 8.13
N GLN A 333 -24.81 4.04 8.19
CA GLN A 333 -25.77 4.66 9.10
C GLN A 333 -27.22 4.68 8.54
N ASP A 334 -27.42 4.18 7.30
CA ASP A 334 -28.72 4.17 6.62
C ASP A 334 -29.79 3.41 7.39
N PRO A 335 -31.07 3.89 7.42
CA PRO A 335 -32.12 3.13 8.12
C PRO A 335 -32.42 1.74 7.53
N TYR A 336 -31.80 1.38 6.38
CA TYR A 336 -31.96 0.07 5.73
C TYR A 336 -31.43 -1.04 6.63
N PHE A 337 -30.29 -0.81 7.30
CA PHE A 337 -29.68 -1.76 8.22
C PHE A 337 -30.39 -1.82 9.59
N LEU A 338 -31.37 -0.92 9.82
CA LEU A 338 -32.18 -0.89 11.05
C LEU A 338 -33.53 -1.61 10.87
N GLU A 339 -33.95 -1.76 9.61
CA GLU A 339 -35.17 -2.42 9.16
C GLU A 339 -34.98 -3.94 9.36
N ASP A 340 -36.08 -4.68 9.54
CA ASP A 340 -36.03 -6.14 9.72
C ASP A 340 -35.71 -6.84 8.38
N PRO A 341 -34.73 -7.75 8.33
CA PRO A 341 -33.84 -8.21 9.42
C PRO A 341 -32.56 -7.37 9.57
N LEU A 342 -31.95 -7.40 10.76
CA LEU A 342 -30.69 -6.71 11.02
C LEU A 342 -29.57 -7.46 10.29
N PRO A 343 -28.47 -6.79 9.84
CA PRO A 343 -27.35 -7.55 9.25
C PRO A 343 -26.70 -8.48 10.29
N THR A 344 -26.20 -9.64 9.86
CA THR A 344 -25.57 -10.62 10.75
C THR A 344 -24.08 -10.78 10.47
N SER A 345 -23.30 -11.18 11.50
CA SER A 345 -21.86 -11.41 11.38
C SER A 345 -21.58 -12.56 10.42
N ASP A 346 -22.45 -13.59 10.42
CA ASP A 346 -22.45 -14.71 9.49
C ASP A 346 -23.54 -14.35 8.46
N VAL A 347 -23.15 -14.06 7.20
CA VAL A 347 -24.10 -13.66 6.15
C VAL A 347 -25.15 -14.74 5.89
N PHE A 348 -24.79 -16.02 6.06
CA PHE A 348 -25.66 -17.17 5.87
C PHE A 348 -26.66 -17.37 7.02
N ALA A 349 -26.35 -16.78 8.21
CA ALA A 349 -27.13 -16.81 9.45
C ALA A 349 -27.39 -18.22 10.00
N GLY A 350 -26.33 -19.03 10.07
CA GLY A 350 -26.38 -20.40 10.59
C GLY A 350 -27.09 -21.43 9.72
N CYS A 351 -27.68 -20.98 8.60
CA CYS A 351 -28.39 -21.84 7.63
C CYS A 351 -27.37 -22.59 6.80
N GLN A 352 -27.75 -23.78 6.30
CA GLN A 352 -26.88 -24.60 5.46
C GLN A 352 -26.53 -23.86 4.18
N ILE A 353 -25.22 -23.85 3.83
CA ILE A 353 -24.69 -23.18 2.64
C ILE A 353 -25.04 -24.00 1.38
N PRO A 354 -25.87 -23.44 0.47
CA PRO A 354 -26.26 -24.20 -0.73
C PRO A 354 -25.20 -24.21 -1.84
N TYR A 355 -24.30 -23.21 -1.83
CA TYR A 355 -23.27 -23.02 -2.83
C TYR A 355 -22.20 -24.08 -2.83
N PRO A 356 -21.87 -24.64 -4.02
CA PRO A 356 -20.83 -25.67 -4.08
C PRO A 356 -19.43 -25.10 -3.84
N LYS A 357 -18.52 -25.98 -3.42
CA LYS A 357 -17.11 -25.66 -3.19
C LYS A 357 -16.45 -25.32 -4.53
N ARG A 358 -15.37 -24.52 -4.52
CA ARG A 358 -14.69 -24.15 -5.77
C ARG A 358 -13.97 -25.33 -6.43
N GLU A 359 -14.21 -25.51 -7.74
CA GLU A 359 -13.61 -26.58 -8.52
C GLU A 359 -12.15 -26.26 -8.89
N PHE A 360 -11.31 -27.31 -8.90
CA PHE A 360 -9.88 -27.21 -9.22
C PHE A 360 -9.65 -27.14 -10.74
N LEU A 361 -9.21 -25.96 -11.23
CA LEU A 361 -8.90 -25.67 -12.63
C LEU A 361 -7.65 -26.44 -13.09
N MET B 3 -1.58 5.31 1.32
CA MET B 3 -1.60 4.86 2.71
C MET B 3 -1.31 6.00 3.69
N ALA B 4 -2.17 6.13 4.73
CA ALA B 4 -2.08 7.14 5.80
C ALA B 4 -2.90 6.70 7.01
N GLY B 5 -2.46 5.60 7.62
CA GLY B 5 -3.11 5.00 8.79
C GLY B 5 -2.55 5.43 10.14
N ASN B 6 -3.11 4.86 11.22
CA ASN B 6 -2.68 5.13 12.60
C ASN B 6 -1.32 4.49 12.82
N PHE B 7 -0.36 5.32 13.24
CA PHE B 7 1.02 4.94 13.50
C PHE B 7 1.15 3.91 14.63
N TRP B 8 0.27 3.95 15.65
CA TRP B 8 0.32 3.02 16.79
C TRP B 8 -0.05 1.57 16.42
N GLN B 9 -0.68 1.37 15.24
CA GLN B 9 -1.08 0.04 14.75
C GLN B 9 -0.24 -0.41 13.54
N SER B 10 0.77 0.39 13.18
CA SER B 10 1.67 0.17 12.05
C SER B 10 2.83 -0.77 12.37
N SER B 11 3.41 -1.38 11.31
CA SER B 11 4.58 -2.24 11.42
C SER B 11 5.80 -1.39 11.79
N HIS B 12 5.77 -0.09 11.43
CA HIS B 12 6.80 0.90 11.74
C HIS B 12 6.93 1.01 13.26
N TYR B 13 5.81 1.23 13.98
CA TYR B 13 5.85 1.35 15.44
C TYR B 13 6.07 0.01 16.16
N LEU B 14 5.28 -1.01 15.79
CA LEU B 14 5.29 -2.33 16.43
C LEU B 14 6.55 -3.18 16.16
N GLN B 15 7.37 -2.83 15.15
CA GLN B 15 8.55 -3.63 14.81
C GLN B 15 9.82 -2.82 14.51
N TRP B 16 9.67 -1.57 14.02
CA TRP B 16 10.81 -0.77 13.60
C TRP B 16 11.04 0.54 14.39
N ILE B 17 10.68 0.53 15.68
CA ILE B 17 10.99 1.58 16.65
C ILE B 17 11.80 0.79 17.68
N LEU B 18 13.13 0.89 17.54
CA LEU B 18 14.11 0.11 18.28
C LEU B 18 14.72 0.81 19.50
N ASP B 19 15.30 0.00 20.40
CA ASP B 19 15.99 0.45 21.61
C ASP B 19 17.42 0.82 21.23
N LYS B 20 17.90 1.99 21.70
CA LYS B 20 19.25 2.54 21.45
C LYS B 20 20.37 1.56 21.85
N GLN B 21 20.11 0.67 22.82
CA GLN B 21 21.07 -0.34 23.29
C GLN B 21 21.07 -1.62 22.43
N ASP B 22 19.90 -2.01 21.87
CA ASP B 22 19.78 -3.17 20.98
C ASP B 22 20.54 -2.87 19.67
N LEU B 23 20.43 -1.61 19.21
CA LEU B 23 21.06 -1.05 18.02
C LEU B 23 22.60 -1.06 18.15
N LEU B 24 23.12 -0.63 19.32
CA LEU B 24 24.54 -0.59 19.65
C LEU B 24 25.12 -2.01 19.76
N LYS B 25 24.37 -2.97 20.34
CA LYS B 25 24.79 -4.36 20.50
C LYS B 25 24.98 -5.05 19.15
N GLU B 26 24.04 -4.83 18.21
CA GLU B 26 24.08 -5.38 16.84
C GLU B 26 25.21 -4.75 16.02
N ARG B 27 25.55 -3.49 16.35
CA ARG B 27 26.60 -2.69 15.72
C ARG B 27 28.00 -3.17 16.08
N GLN B 28 28.16 -3.80 17.27
CA GLN B 28 29.45 -4.29 17.80
C GLN B 28 30.21 -5.22 16.84
N LYS B 29 29.49 -5.88 15.92
CA LYS B 29 30.06 -6.78 14.90
C LYS B 29 30.96 -5.99 13.93
N ASP B 30 30.52 -4.79 13.53
CA ASP B 30 31.24 -3.89 12.63
C ASP B 30 32.24 -3.00 13.37
N LEU B 31 32.01 -2.78 14.69
CA LEU B 31 32.85 -1.92 15.54
C LEU B 31 34.23 -2.52 15.88
N LYS B 32 34.55 -3.71 15.33
CA LYS B 32 35.85 -4.36 15.48
C LYS B 32 36.80 -3.79 14.43
N PHE B 33 36.23 -3.28 13.31
CA PHE B 33 36.92 -2.74 12.15
C PHE B 33 36.88 -1.21 12.10
N LEU B 34 35.73 -0.63 12.45
CA LEU B 34 35.50 0.82 12.46
C LEU B 34 35.22 1.30 13.88
N SER B 35 35.57 2.55 14.20
CA SER B 35 35.26 3.11 15.52
C SER B 35 33.78 3.54 15.53
N GLU B 36 33.26 3.96 16.70
CA GLU B 36 31.88 4.44 16.83
C GLU B 36 31.70 5.72 15.99
N GLU B 37 32.78 6.53 15.89
CA GLU B 37 32.86 7.77 15.12
C GLU B 37 32.82 7.46 13.62
N GLU B 38 33.66 6.52 13.15
CA GLU B 38 33.75 6.11 11.76
C GLU B 38 32.45 5.50 11.25
N TYR B 39 31.71 4.78 12.11
CA TYR B 39 30.43 4.15 11.76
C TYR B 39 29.35 5.19 11.47
N TRP B 40 29.20 6.25 12.32
CA TRP B 40 28.18 7.27 12.05
C TRP B 40 28.54 8.14 10.85
N LYS B 41 29.85 8.24 10.50
CA LYS B 41 30.32 9.00 9.34
C LYS B 41 29.91 8.27 8.05
N LEU B 42 30.03 6.93 8.05
CA LEU B 42 29.69 5.99 6.98
C LEU B 42 28.17 6.01 6.73
N GLN B 43 27.37 6.15 7.80
CA GLN B 43 25.91 6.23 7.74
C GLN B 43 25.49 7.55 7.10
N ILE B 44 26.19 8.66 7.44
CA ILE B 44 25.97 9.99 6.87
C ILE B 44 26.28 9.93 5.39
N PHE B 45 27.42 9.31 5.05
CA PHE B 45 27.90 9.16 3.68
C PHE B 45 26.87 8.51 2.78
N PHE B 46 26.33 7.35 3.21
CA PHE B 46 25.33 6.63 2.43
C PHE B 46 23.98 7.32 2.41
N THR B 47 23.63 8.09 3.46
CA THR B 47 22.42 8.90 3.50
C THR B 47 22.50 9.92 2.35
N ASN B 48 23.67 10.60 2.25
CA ASN B 48 24.00 11.59 1.23
C ASN B 48 24.10 10.95 -0.15
N VAL B 49 24.47 9.64 -0.23
CA VAL B 49 24.55 8.86 -1.48
C VAL B 49 23.12 8.62 -1.99
N ILE B 50 22.21 8.17 -1.10
CA ILE B 50 20.79 7.94 -1.41
C ILE B 50 20.12 9.28 -1.80
N GLN B 51 20.52 10.39 -1.15
CA GLN B 51 20.01 11.74 -1.43
C GLN B 51 20.41 12.20 -2.83
N ALA B 52 21.67 11.94 -3.24
CA ALA B 52 22.17 12.28 -4.56
C ALA B 52 21.52 11.41 -5.66
N LEU B 53 21.19 10.13 -5.33
CA LEU B 53 20.52 9.19 -6.23
C LEU B 53 19.09 9.64 -6.52
N GLY B 54 18.35 10.01 -5.47
CA GLY B 54 16.98 10.48 -5.56
C GLY B 54 16.84 11.80 -6.29
N GLU B 55 17.83 12.70 -6.14
CA GLU B 55 17.88 13.99 -6.81
C GLU B 55 18.05 13.80 -8.30
N HIS B 56 18.97 12.90 -8.70
CA HIS B 56 19.28 12.55 -10.09
C HIS B 56 18.06 11.94 -10.78
N LEU B 57 17.37 11.01 -10.09
CA LEU B 57 16.20 10.32 -10.63
C LEU B 57 14.91 11.17 -10.59
N LYS B 58 15.00 12.38 -9.98
CA LYS B 58 13.91 13.36 -9.82
C LYS B 58 12.78 12.82 -8.95
N LEU B 59 13.16 12.11 -7.88
CA LEU B 59 12.23 11.52 -6.91
C LEU B 59 11.94 12.53 -5.80
N ARG B 60 10.69 12.50 -5.28
CA ARG B 60 10.25 13.37 -4.18
C ARG B 60 10.99 13.00 -2.88
N GLN B 61 11.03 13.94 -1.92
CA GLN B 61 11.72 13.75 -0.64
C GLN B 61 11.20 12.53 0.14
N GLN B 62 9.90 12.17 -0.04
CA GLN B 62 9.29 11.02 0.62
C GLN B 62 9.88 9.69 0.10
N VAL B 63 10.15 9.60 -1.21
CA VAL B 63 10.76 8.42 -1.85
C VAL B 63 12.18 8.25 -1.31
N ILE B 64 12.98 9.36 -1.33
CA ILE B 64 14.35 9.41 -0.80
C ILE B 64 14.36 8.97 0.68
N ALA B 65 13.43 9.53 1.50
CA ALA B 65 13.34 9.22 2.92
C ALA B 65 12.97 7.74 3.21
N THR B 66 12.08 7.14 2.39
CA THR B 66 11.65 5.74 2.51
C THR B 66 12.82 4.82 2.17
N ALA B 67 13.61 5.20 1.15
CA ALA B 67 14.82 4.48 0.75
C ALA B 67 15.88 4.56 1.84
N THR B 68 16.01 5.72 2.51
CA THR B 68 16.97 5.94 3.61
C THR B 68 16.63 5.02 4.80
N VAL B 69 15.35 5.00 5.21
CA VAL B 69 14.86 4.18 6.32
C VAL B 69 15.09 2.69 6.04
N TYR B 70 14.92 2.22 4.78
CA TYR B 70 15.16 0.82 4.38
C TYR B 70 16.60 0.45 4.63
N PHE B 71 17.53 1.28 4.11
CA PHE B 71 18.98 1.17 4.24
C PHE B 71 19.37 1.05 5.71
N LYS B 72 18.99 2.06 6.52
CA LYS B 72 19.25 2.12 7.96
C LYS B 72 18.69 0.90 8.69
N ARG B 73 17.44 0.46 8.34
CA ARG B 73 16.77 -0.71 8.93
C ARG B 73 17.54 -1.98 8.66
N PHE B 74 18.01 -2.17 7.40
CA PHE B 74 18.76 -3.38 7.05
C PHE B 74 20.08 -3.48 7.84
N TYR B 75 20.86 -2.38 7.90
CA TYR B 75 22.15 -2.38 8.61
C TYR B 75 22.01 -2.26 10.14
N ALA B 76 20.77 -2.13 10.64
CA ALA B 76 20.50 -2.12 12.07
C ALA B 76 20.50 -3.58 12.55
N ARG B 77 20.12 -4.52 11.66
CA ARG B 77 20.07 -5.95 11.96
C ARG B 77 21.27 -6.71 11.37
N TYR B 78 21.87 -6.18 10.27
CA TYR B 78 22.97 -6.87 9.58
C TYR B 78 24.25 -6.04 9.40
N SER B 79 25.39 -6.73 9.32
CA SER B 79 26.73 -6.19 9.15
C SER B 79 26.91 -5.51 7.78
N LEU B 80 27.88 -4.56 7.68
CA LEU B 80 28.19 -3.85 6.44
C LEU B 80 28.85 -4.78 5.38
N LYS B 81 29.22 -6.00 5.81
CA LYS B 81 29.82 -7.04 4.96
C LYS B 81 28.77 -8.01 4.39
N SER B 82 27.56 -8.09 5.00
CA SER B 82 26.50 -9.01 4.58
C SER B 82 26.09 -8.76 3.10
N ILE B 83 25.81 -7.48 2.76
CA ILE B 83 25.52 -6.98 1.39
C ILE B 83 26.29 -5.65 1.25
N ASP B 84 26.97 -5.44 0.10
CA ASP B 84 27.71 -4.20 -0.15
C ASP B 84 26.76 -2.98 -0.09
N PRO B 85 27.03 -1.98 0.80
CA PRO B 85 26.14 -0.81 0.87
C PRO B 85 26.05 0.00 -0.44
N VAL B 86 27.06 -0.15 -1.32
CA VAL B 86 27.12 0.49 -2.64
C VAL B 86 26.03 -0.14 -3.56
N LEU B 87 25.62 -1.39 -3.28
CA LEU B 87 24.56 -2.12 -3.99
C LEU B 87 23.23 -1.93 -3.27
N MET B 88 23.25 -1.81 -1.93
CA MET B 88 22.06 -1.61 -1.10
C MET B 88 21.43 -0.24 -1.33
N ALA B 89 22.25 0.83 -1.42
CA ALA B 89 21.78 2.20 -1.66
C ALA B 89 20.89 2.35 -2.91
N PRO B 90 21.30 1.93 -4.14
CA PRO B 90 20.40 2.07 -5.30
C PRO B 90 19.23 1.09 -5.27
N THR B 91 19.38 -0.07 -4.58
CA THR B 91 18.33 -1.07 -4.44
C THR B 91 17.20 -0.51 -3.59
N CYS B 92 17.55 0.15 -2.47
CA CYS B 92 16.60 0.80 -1.56
C CYS B 92 15.78 1.86 -2.31
N VAL B 93 16.46 2.69 -3.14
CA VAL B 93 15.89 3.75 -3.98
C VAL B 93 14.89 3.14 -5.00
N PHE B 94 15.24 1.99 -5.60
CA PHE B 94 14.45 1.23 -6.56
C PHE B 94 13.17 0.68 -5.90
N LEU B 95 13.30 0.02 -4.72
CA LEU B 95 12.16 -0.55 -3.98
C LEU B 95 11.21 0.53 -3.45
N ALA B 96 11.75 1.65 -2.88
CA ALA B 96 10.95 2.75 -2.35
C ALA B 96 10.18 3.49 -3.42
N SER B 97 10.70 3.51 -4.66
CA SER B 97 10.03 4.17 -5.79
C SER B 97 8.78 3.39 -6.19
N LYS B 98 8.77 2.07 -5.97
CA LYS B 98 7.64 1.19 -6.27
C LYS B 98 6.57 1.30 -5.21
N VAL B 99 6.98 1.27 -3.92
CA VAL B 99 6.14 1.38 -2.73
C VAL B 99 5.40 2.72 -2.73
N GLU B 100 6.15 3.83 -2.87
CA GLU B 100 5.63 5.20 -2.87
C GLU B 100 4.87 5.57 -4.15
N GLU B 101 4.58 4.57 -5.02
CA GLU B 101 3.80 4.66 -6.26
C GLU B 101 4.42 5.57 -7.33
N PHE B 102 5.75 5.75 -7.29
CA PHE B 102 6.48 6.56 -8.28
C PHE B 102 6.83 5.75 -9.54
N GLY B 103 6.52 4.45 -9.52
CA GLY B 103 6.74 3.52 -10.62
C GLY B 103 8.00 2.68 -10.53
N VAL B 104 8.27 1.93 -11.60
CA VAL B 104 9.45 1.07 -11.71
C VAL B 104 10.50 1.85 -12.49
N VAL B 105 11.65 2.13 -11.85
CA VAL B 105 12.76 2.81 -12.53
C VAL B 105 13.31 1.74 -13.48
N SER B 106 13.47 2.06 -14.76
CA SER B 106 13.96 1.11 -15.75
C SER B 106 15.39 0.65 -15.46
N ASN B 107 15.79 -0.50 -16.04
CA ASN B 107 17.11 -1.08 -15.85
C ASN B 107 18.22 -0.09 -16.23
N THR B 108 18.10 0.49 -17.44
CA THR B 108 19.05 1.45 -18.00
C THR B 108 19.02 2.79 -17.23
N ARG B 109 17.84 3.26 -16.75
CA ARG B 109 17.74 4.51 -16.00
C ARG B 109 18.35 4.42 -14.58
N LEU B 110 18.15 3.29 -13.87
CA LEU B 110 18.67 3.07 -12.52
C LEU B 110 20.19 2.87 -12.48
N ILE B 111 20.74 2.02 -13.37
CA ILE B 111 22.18 1.74 -13.41
C ILE B 111 22.95 2.99 -13.81
N ALA B 112 22.45 3.74 -14.82
CA ALA B 112 23.05 5.00 -15.28
C ALA B 112 23.07 6.03 -14.17
N ALA B 113 21.98 6.10 -13.36
CA ALA B 113 21.86 7.02 -12.23
C ALA B 113 22.90 6.71 -11.16
N ALA B 114 23.10 5.41 -10.86
CA ALA B 114 24.09 4.93 -9.88
C ALA B 114 25.51 5.19 -10.36
N THR B 115 25.79 4.87 -11.65
CA THR B 115 27.10 5.07 -12.30
C THR B 115 27.47 6.57 -12.31
N SER B 116 26.57 7.43 -12.83
CA SER B 116 26.75 8.89 -12.92
C SER B 116 26.92 9.57 -11.55
N VAL B 117 26.00 9.31 -10.61
CA VAL B 117 26.05 9.91 -9.26
C VAL B 117 27.39 9.64 -8.58
N LEU B 118 27.86 8.37 -8.56
CA LEU B 118 29.14 8.04 -7.94
C LEU B 118 30.32 8.69 -8.67
N LYS B 119 30.27 8.72 -10.01
CA LYS B 119 31.32 9.30 -10.84
C LYS B 119 31.44 10.82 -10.68
N THR B 120 30.31 11.54 -10.74
CA THR B 120 30.26 13.01 -10.70
C THR B 120 30.12 13.64 -9.30
N ARG B 121 29.68 12.88 -8.28
CA ARG B 121 29.45 13.44 -6.94
C ARG B 121 30.20 12.76 -5.79
N PHE B 122 30.71 11.54 -6.02
CA PHE B 122 31.42 10.76 -5.00
C PHE B 122 32.74 10.15 -5.50
N SER B 123 33.43 10.87 -6.41
CA SER B 123 34.71 10.45 -6.99
C SER B 123 35.83 10.41 -5.94
N TYR B 124 35.68 11.19 -4.83
CA TYR B 124 36.63 11.24 -3.72
C TYR B 124 36.71 9.93 -2.92
N ALA B 125 35.59 9.18 -2.90
CA ALA B 125 35.45 7.90 -2.19
C ALA B 125 35.48 6.70 -3.13
N PHE B 126 35.06 6.90 -4.40
CA PHE B 126 35.02 5.82 -5.39
C PHE B 126 35.89 6.10 -6.64
N PRO B 127 37.12 5.54 -6.70
CA PRO B 127 37.95 5.75 -7.91
C PRO B 127 37.48 4.91 -9.11
N LYS B 128 36.87 3.74 -8.83
CA LYS B 128 36.34 2.82 -9.83
C LYS B 128 34.86 3.11 -10.09
N GLU B 129 34.39 2.78 -11.30
CA GLU B 129 33.00 2.95 -11.73
C GLU B 129 32.06 2.00 -10.96
N PHE B 130 30.74 2.33 -10.90
CA PHE B 130 29.72 1.50 -10.25
C PHE B 130 29.79 0.10 -10.87
N PRO B 131 30.15 -0.93 -10.07
CA PRO B 131 30.38 -2.26 -10.67
C PRO B 131 29.15 -3.13 -10.89
N TYR B 132 28.05 -2.80 -10.23
CA TYR B 132 26.85 -3.62 -10.28
C TYR B 132 25.95 -3.35 -11.49
N ARG B 133 25.17 -4.38 -11.85
CA ARG B 133 24.23 -4.37 -12.96
C ARG B 133 22.83 -4.66 -12.40
N MET B 134 21.81 -4.71 -13.26
CA MET B 134 20.43 -4.94 -12.82
C MET B 134 20.19 -6.28 -12.13
N ASN B 135 20.92 -7.35 -12.53
CA ASN B 135 20.78 -8.69 -11.92
C ASN B 135 21.15 -8.65 -10.43
N HIS B 136 22.10 -7.76 -10.05
CA HIS B 136 22.57 -7.53 -8.68
C HIS B 136 21.52 -6.78 -7.85
N ILE B 137 20.87 -5.76 -8.45
CA ILE B 137 19.80 -4.96 -7.83
C ILE B 137 18.58 -5.86 -7.53
N LEU B 138 18.15 -6.64 -8.53
CA LEU B 138 17.02 -7.58 -8.46
C LEU B 138 17.25 -8.69 -7.44
N GLU B 139 18.52 -9.09 -7.23
CA GLU B 139 18.87 -10.10 -6.24
C GLU B 139 18.78 -9.46 -4.87
N CYS B 140 19.45 -8.30 -4.69
CA CYS B 140 19.45 -7.53 -3.44
C CYS B 140 18.05 -7.14 -3.00
N GLU B 141 17.16 -6.86 -3.95
CA GLU B 141 15.77 -6.49 -3.73
C GLU B 141 15.02 -7.60 -2.99
N PHE B 142 15.23 -8.86 -3.42
CA PHE B 142 14.61 -10.04 -2.80
C PHE B 142 15.07 -10.22 -1.35
N TYR B 143 16.38 -10.02 -1.08
CA TYR B 143 16.98 -10.09 0.26
C TYR B 143 16.48 -8.95 1.14
N LEU B 144 16.45 -7.71 0.61
CA LEU B 144 15.98 -6.52 1.31
C LEU B 144 14.51 -6.66 1.77
N LEU B 145 13.62 -7.11 0.88
CA LEU B 145 12.20 -7.33 1.17
C LEU B 145 11.99 -8.41 2.25
N GLU B 146 12.79 -9.48 2.20
CA GLU B 146 12.77 -10.64 3.10
C GLU B 146 13.19 -10.29 4.53
N LEU B 147 14.30 -9.52 4.66
CA LEU B 147 14.95 -9.17 5.92
C LEU B 147 14.42 -7.87 6.58
N MET B 148 13.32 -7.33 6.04
CA MET B 148 12.60 -6.18 6.59
C MET B 148 11.24 -6.66 7.03
N ASP B 149 11.01 -8.01 6.95
CA ASP B 149 9.77 -8.71 7.27
C ASP B 149 8.60 -8.14 6.46
N CYS B 150 8.92 -7.70 5.22
CA CYS B 150 8.01 -7.11 4.24
C CYS B 150 7.30 -5.83 4.75
N CYS B 151 8.02 -5.04 5.58
CA CYS B 151 7.53 -3.77 6.11
C CYS B 151 7.99 -2.70 5.15
N LEU B 152 7.06 -2.27 4.28
CA LEU B 152 7.30 -1.31 3.21
C LEU B 152 6.77 0.09 3.51
N ILE B 153 5.62 0.18 4.18
CA ILE B 153 5.03 1.48 4.53
C ILE B 153 5.85 2.12 5.65
N VAL B 154 6.47 3.26 5.35
CA VAL B 154 7.29 4.03 6.28
C VAL B 154 6.64 5.41 6.50
N TYR B 155 6.53 5.82 7.77
CA TYR B 155 5.97 7.12 8.18
C TYR B 155 7.12 8.08 8.44
N HIS B 156 7.04 9.31 7.91
CA HIS B 156 8.10 10.31 8.00
C HIS B 156 7.68 11.58 8.76
N PRO B 157 8.62 12.43 9.24
CA PRO B 157 8.20 13.63 9.98
C PRO B 157 7.65 14.77 9.12
N TYR B 158 7.82 14.73 7.79
CA TYR B 158 7.38 15.76 6.85
C TYR B 158 5.88 16.07 6.92
N ARG B 159 5.02 15.02 6.91
CA ARG B 159 3.56 15.14 6.98
C ARG B 159 3.09 15.77 8.33
N PRO B 160 3.41 15.22 9.55
CA PRO B 160 3.00 15.91 10.78
C PRO B 160 3.60 17.30 10.94
N LEU B 161 4.85 17.54 10.45
CA LEU B 161 5.51 18.87 10.50
C LEU B 161 4.67 19.91 9.77
N LEU B 162 4.18 19.58 8.56
CA LEU B 162 3.33 20.48 7.78
C LEU B 162 2.00 20.74 8.51
N GLN B 163 1.50 19.75 9.26
CA GLN B 163 0.28 19.87 10.06
C GLN B 163 0.52 20.78 11.28
N TYR B 164 1.73 20.71 11.89
CA TYR B 164 2.11 21.53 13.04
C TYR B 164 2.30 23.00 12.66
N VAL B 165 3.09 23.28 11.58
CA VAL B 165 3.35 24.65 11.10
C VAL B 165 2.07 25.34 10.63
N GLN B 166 1.14 24.59 10.00
CA GLN B 166 -0.16 25.11 9.55
C GLN B 166 -1.03 25.47 10.76
N ASP B 167 -0.91 24.68 11.86
CA ASP B 167 -1.63 24.89 13.11
C ASP B 167 -1.10 26.13 13.86
N MET B 168 0.18 26.48 13.63
CA MET B 168 0.87 27.62 14.22
C MET B 168 0.56 28.93 13.50
N GLY B 169 0.28 28.84 12.20
CA GLY B 169 0.04 29.99 11.34
C GLY B 169 1.35 30.63 10.93
N GLN B 170 2.41 29.80 10.86
CA GLN B 170 3.78 30.17 10.51
C GLN B 170 4.36 29.22 9.43
N GLU B 171 3.49 28.79 8.48
CA GLU B 171 3.85 27.89 7.38
C GLU B 171 4.85 28.53 6.39
N ASP B 172 4.92 29.88 6.36
CA ASP B 172 5.83 30.59 5.46
C ASP B 172 7.17 30.88 6.09
N MET B 173 7.18 31.27 7.39
CA MET B 173 8.38 31.62 8.12
C MET B 173 9.24 30.44 8.55
N LEU B 174 8.63 29.46 9.25
CA LEU B 174 9.32 28.31 9.85
C LEU B 174 9.48 27.07 8.97
N LEU B 175 8.48 26.73 8.12
CA LEU B 175 8.51 25.50 7.31
C LEU B 175 9.83 25.29 6.49
N PRO B 176 10.39 26.27 5.71
CA PRO B 176 11.64 25.99 4.97
C PRO B 176 12.81 25.45 5.80
N LEU B 177 13.06 26.05 6.99
CA LEU B 177 14.13 25.64 7.90
C LEU B 177 13.83 24.33 8.61
N ALA B 178 12.61 24.18 9.18
CA ALA B 178 12.21 22.96 9.90
C ALA B 178 12.28 21.74 9.01
N TRP B 179 11.85 21.86 7.73
CA TRP B 179 11.88 20.82 6.68
C TRP B 179 13.31 20.38 6.39
N ARG B 180 14.23 21.37 6.29
CA ARG B 180 15.65 21.19 6.05
C ARG B 180 16.25 20.41 7.24
N ILE B 181 15.92 20.81 8.49
CA ILE B 181 16.37 20.14 9.71
C ILE B 181 15.90 18.66 9.70
N VAL B 182 14.66 18.37 9.21
CA VAL B 182 14.10 17.01 9.10
C VAL B 182 14.97 16.18 8.14
N ASN B 183 15.30 16.73 6.94
CA ASN B 183 16.18 16.07 5.96
C ASN B 183 17.51 15.69 6.61
N ASP B 184 17.99 16.54 7.54
CA ASP B 184 19.27 16.36 8.23
C ASP B 184 19.22 15.26 9.30
N THR B 185 18.02 14.94 9.85
CA THR B 185 17.87 13.88 10.85
C THR B 185 18.21 12.52 10.26
N TYR B 186 18.22 12.42 8.92
CA TYR B 186 18.57 11.20 8.21
C TYR B 186 20.08 10.93 8.24
N ARG B 187 20.86 11.84 8.88
CA ARG B 187 22.29 11.68 9.12
C ARG B 187 22.46 10.98 10.49
N THR B 188 21.34 10.81 11.23
CA THR B 188 21.26 10.17 12.55
C THR B 188 20.28 8.98 12.51
N ASP B 189 20.23 8.19 13.60
CA ASP B 189 19.38 7.01 13.74
C ASP B 189 17.99 7.31 14.31
N LEU B 190 17.58 8.59 14.37
CA LEU B 190 16.29 9.01 14.95
C LEU B 190 15.06 8.27 14.38
N CYS B 191 15.07 7.98 13.06
CA CYS B 191 14.00 7.27 12.36
C CYS B 191 13.83 5.81 12.79
N LEU B 192 14.85 5.27 13.49
CA LEU B 192 14.86 3.91 14.04
C LEU B 192 14.55 3.93 15.53
N LEU B 193 14.49 5.12 16.16
CA LEU B 193 14.29 5.19 17.61
C LEU B 193 13.05 5.91 18.06
N TYR B 194 12.66 6.99 17.37
CA TYR B 194 11.52 7.81 17.79
C TYR B 194 10.40 7.89 16.75
N PRO B 195 9.11 8.01 17.18
CA PRO B 195 8.01 8.20 16.22
C PRO B 195 8.22 9.47 15.37
N PRO B 196 7.72 9.49 14.10
CA PRO B 196 7.95 10.66 13.23
C PRO B 196 7.43 12.00 13.75
N PHE B 197 6.21 12.05 14.29
CA PHE B 197 5.61 13.27 14.84
C PHE B 197 6.50 13.93 15.90
N MET B 198 7.24 13.10 16.67
CA MET B 198 8.17 13.52 17.72
C MET B 198 9.42 14.18 17.13
N ILE B 199 9.94 13.64 16.01
CA ILE B 199 11.09 14.18 15.28
C ILE B 199 10.67 15.53 14.68
N ALA B 200 9.42 15.62 14.15
CA ALA B 200 8.85 16.84 13.57
C ALA B 200 8.73 17.98 14.59
N LEU B 201 8.37 17.65 15.85
CA LEU B 201 8.23 18.63 16.94
C LEU B 201 9.58 19.14 17.40
N ALA B 202 10.59 18.25 17.45
CA ALA B 202 11.93 18.61 17.87
C ALA B 202 12.61 19.48 16.81
N CYS B 203 12.37 19.19 15.52
CA CYS B 203 12.87 19.95 14.38
C CYS B 203 12.25 21.32 14.35
N LEU B 204 10.94 21.41 14.62
CA LEU B 204 10.20 22.66 14.67
C LEU B 204 10.70 23.49 15.86
N HIS B 205 11.07 22.84 16.98
CA HIS B 205 11.61 23.50 18.15
C HIS B 205 12.98 24.13 17.85
N VAL B 206 13.89 23.37 17.20
CA VAL B 206 15.22 23.85 16.79
C VAL B 206 15.05 25.02 15.79
N ALA B 207 14.11 24.89 14.84
CA ALA B 207 13.80 25.94 13.85
C ALA B 207 13.33 27.24 14.51
N CYS B 208 12.52 27.13 15.58
CA CYS B 208 12.00 28.28 16.36
C CYS B 208 13.14 28.98 17.12
N VAL B 209 14.10 28.18 17.65
CA VAL B 209 15.28 28.65 18.39
C VAL B 209 16.22 29.40 17.44
N VAL B 210 16.52 28.83 16.25
CA VAL B 210 17.39 29.43 15.22
C VAL B 210 16.82 30.76 14.73
N GLN B 211 15.52 30.77 14.35
CA GLN B 211 14.80 31.95 13.84
C GLN B 211 14.30 32.91 14.95
N GLN B 212 14.58 32.59 16.25
CA GLN B 212 14.19 33.37 17.44
C GLN B 212 12.69 33.69 17.49
N LYS B 213 11.87 32.65 17.72
CA LYS B 213 10.41 32.73 17.81
C LYS B 213 9.87 32.13 19.09
N ASP B 214 8.98 32.85 19.78
CA ASP B 214 8.37 32.38 21.03
C ASP B 214 7.21 31.42 20.70
N ALA B 215 7.51 30.12 20.72
CA ALA B 215 6.56 29.05 20.44
C ALA B 215 6.24 28.25 21.72
N ARG B 216 6.69 28.77 22.89
CA ARG B 216 6.52 28.19 24.22
C ARG B 216 5.06 27.85 24.55
N GLN B 217 4.13 28.78 24.23
CA GLN B 217 2.69 28.65 24.47
C GLN B 217 2.11 27.47 23.67
N TRP B 218 2.39 27.43 22.37
CA TRP B 218 1.96 26.38 21.44
C TRP B 218 2.53 25.02 21.85
N PHE B 219 3.83 24.98 22.19
CA PHE B 219 4.54 23.78 22.64
C PHE B 219 4.00 23.24 23.97
N ALA B 220 3.62 24.15 24.90
CA ALA B 220 3.06 23.79 26.21
C ALA B 220 1.64 23.24 26.12
N GLU B 221 0.92 23.54 25.01
CA GLU B 221 -0.45 23.07 24.78
C GLU B 221 -0.47 21.86 23.81
N LEU B 222 0.49 20.92 23.99
CA LEU B 222 0.64 19.72 23.16
C LEU B 222 0.34 18.40 23.88
N SER B 223 0.68 18.31 25.20
CA SER B 223 0.54 17.13 26.07
C SER B 223 1.38 15.92 25.62
N VAL B 224 2.52 16.20 24.95
CA VAL B 224 3.50 15.21 24.48
C VAL B 224 4.60 15.06 25.54
N ASP B 225 5.30 13.90 25.57
CA ASP B 225 6.40 13.67 26.50
C ASP B 225 7.59 14.51 26.07
N MET B 226 7.69 15.72 26.67
CA MET B 226 8.74 16.70 26.40
C MET B 226 10.14 16.22 26.73
N GLU B 227 10.26 15.15 27.57
CA GLU B 227 11.54 14.52 27.92
C GLU B 227 12.11 13.89 26.66
N LYS B 228 11.27 13.14 25.92
CA LYS B 228 11.61 12.46 24.67
C LYS B 228 11.89 13.44 23.54
N ILE B 229 11.21 14.60 23.53
CA ILE B 229 11.40 15.68 22.54
C ILE B 229 12.76 16.34 22.79
N LEU B 230 13.14 16.49 24.08
CA LEU B 230 14.44 17.05 24.50
C LEU B 230 15.58 16.12 24.10
N GLU B 231 15.34 14.79 24.19
CA GLU B 231 16.28 13.75 23.79
C GLU B 231 16.62 13.86 22.30
N ILE B 232 15.60 14.12 21.44
CA ILE B 232 15.74 14.30 19.99
C ILE B 232 16.47 15.62 19.68
N ILE B 233 16.12 16.71 20.40
CA ILE B 233 16.74 18.05 20.25
C ILE B 233 18.26 17.95 20.43
N ARG B 234 18.72 17.26 21.49
CA ARG B 234 20.14 17.05 21.78
C ARG B 234 20.85 16.37 20.62
N VAL B 235 20.19 15.37 20.00
CA VAL B 235 20.71 14.60 18.85
C VAL B 235 20.81 15.53 17.63
N ILE B 236 19.79 16.39 17.40
CA ILE B 236 19.77 17.36 16.32
C ILE B 236 20.93 18.35 16.51
N LEU B 237 21.10 18.87 17.75
CA LEU B 237 22.15 19.82 18.10
C LEU B 237 23.54 19.20 17.95
N LYS B 238 23.67 17.93 18.36
CA LYS B 238 24.90 17.13 18.27
C LYS B 238 25.27 16.90 16.81
N LEU B 239 24.27 16.63 15.93
CA LEU B 239 24.46 16.34 14.50
C LEU B 239 25.13 17.51 13.76
N TYR B 240 24.85 18.76 14.15
CA TYR B 240 25.46 19.94 13.53
C TYR B 240 26.91 20.14 13.97
N GLU B 241 27.25 19.67 15.20
CA GLU B 241 28.62 19.73 15.71
C GLU B 241 29.43 18.61 15.04
N GLN B 242 28.78 17.46 14.74
CA GLN B 242 29.36 16.32 14.02
C GLN B 242 29.68 16.78 12.58
N TRP B 243 28.74 17.53 11.97
CA TRP B 243 28.81 18.11 10.63
C TRP B 243 30.04 19.03 10.46
N LYS B 244 30.30 19.90 11.46
CA LYS B 244 31.41 20.84 11.50
C LYS B 244 32.77 20.14 11.47
N ASN B 245 32.95 19.12 12.32
CA ASN B 245 34.20 18.39 12.48
C ASN B 245 34.41 17.23 11.47
N PHE B 246 33.40 16.94 10.63
CA PHE B 246 33.50 15.86 9.64
C PHE B 246 33.75 16.39 8.23
N ASP B 247 34.87 15.99 7.63
CA ASP B 247 35.22 16.34 6.25
C ASP B 247 35.02 15.05 5.45
N GLU B 248 33.79 14.86 4.97
CA GLU B 248 33.35 13.71 4.20
C GLU B 248 34.27 13.41 3.03
N ARG B 249 34.62 14.45 2.26
CA ARG B 249 35.46 14.37 1.07
C ARG B 249 36.90 13.95 1.35
N LYS B 250 37.44 14.32 2.52
CA LYS B 250 38.80 13.98 2.93
C LYS B 250 38.92 12.66 3.70
N GLU B 251 37.83 12.21 4.33
CA GLU B 251 37.84 11.03 5.21
C GLU B 251 37.26 9.74 4.67
N MET B 252 36.31 9.80 3.75
CA MET B 252 35.56 8.62 3.31
C MET B 252 36.36 7.51 2.60
N ALA B 253 37.40 7.84 1.83
CA ALA B 253 38.18 6.78 1.16
C ALA B 253 38.77 5.80 2.19
N THR B 254 39.34 6.33 3.30
CA THR B 254 39.95 5.54 4.38
C THR B 254 38.91 4.78 5.20
N ILE B 255 37.76 5.42 5.49
CA ILE B 255 36.66 4.80 6.26
C ILE B 255 36.04 3.62 5.46
N LEU B 256 35.92 3.77 4.12
CA LEU B 256 35.41 2.70 3.27
C LEU B 256 36.39 1.52 3.17
N SER B 257 37.71 1.78 3.26
CA SER B 257 38.74 0.74 3.23
C SER B 257 38.74 -0.10 4.53
N LYS B 258 38.46 0.56 5.68
CA LYS B 258 38.38 -0.05 7.02
C LYS B 258 37.12 -0.91 7.18
N MET B 259 36.04 -0.56 6.47
CA MET B 259 34.74 -1.21 6.48
C MET B 259 34.82 -2.69 6.06
N PRO B 260 34.23 -3.64 6.82
CA PRO B 260 34.29 -5.07 6.41
C PRO B 260 33.57 -5.33 5.09
N LYS B 261 34.23 -6.10 4.21
CA LYS B 261 33.75 -6.43 2.86
C LYS B 261 33.13 -7.84 2.77
N PRO B 262 32.20 -8.10 1.81
CA PRO B 262 31.62 -9.44 1.68
C PRO B 262 32.65 -10.52 1.33
N LYS B 263 32.66 -11.64 2.08
CA LYS B 263 33.57 -12.75 1.86
C LYS B 263 33.10 -13.67 0.71
N PRO B 264 34.00 -14.04 -0.23
CA PRO B 264 33.57 -14.89 -1.36
C PRO B 264 33.54 -16.39 -1.03
N PRO B 265 32.93 -17.25 -1.89
CA PRO B 265 32.92 -18.70 -1.60
C PRO B 265 34.31 -19.35 -1.72
N PRO B 266 34.61 -20.45 -0.99
CA PRO B 266 35.94 -21.06 -1.12
C PRO B 266 36.03 -22.00 -2.33
C4 JH8 C . -8.12 -15.84 -1.10
C5 JH8 C . -8.71 -16.73 -0.16
C7 JH8 C . -8.04 -14.97 -3.38
C8 JH8 C . -7.15 -14.87 -0.75
C10 JH8 C . -7.09 -14.06 -3.00
C13 JH8 C . -11.75 -16.05 -5.77
C15 JH8 C . -10.41 -17.98 -6.31
C17 JH8 C . -12.01 -17.10 -8.03
C21 JH8 C . -12.89 -16.16 -8.60
C22 JH8 C . -12.86 -18.41 -11.28
C26 JH8 C . -13.50 -18.56 -14.08
C1 JH8 C . -10.05 -17.68 -1.74
C11 JH8 C . -10.20 -16.95 -4.12
C12 JH8 C . -11.18 -16.02 -4.51
C14 JH8 C . -11.38 -17.05 -6.69
C16 JH8 C . -9.84 -17.93 -5.05
C18 JH8 C . -11.91 -18.08 -8.99
C2 JH8 C . -9.57 -16.88 -2.78
C23 JH8 C . -11.86 -17.95 -12.33
C27 JH8 C . -11.32 -17.63 -14.71
C3 JH8 C . -8.60 -15.89 -2.43
C9 JH8 C . -6.64 -14.02 -1.69
N19 JH8 C . -12.67 -17.70 -10.03
N20 JH8 C . -13.29 -16.51 -9.81
N24 JH8 C . -12.21 -18.05 -13.63
N6 JH8 C . -9.62 -17.65 -0.47
O25 JH8 C . -10.76 -17.51 -11.99
#